data_9E5J
#
_entry.id   9E5J
#
_cell.length_a   41.489
_cell.length_b   78.181
_cell.length_c   72.653
_cell.angle_alpha   90.00
_cell.angle_beta   93.78
_cell.angle_gamma   90.00
#
_symmetry.space_group_name_H-M   'P 1 21 1'
#
loop_
_entity.id
_entity.type
_entity.pdbx_description
1 polymer 'RNA (76-MER)'
2 non-polymer ethynyl-4-methoxybenzene-cobalamin
3 non-polymer N-methylpropane-1,3-diamine
4 non-polymer 'MAGNESIUM ION'
5 non-polymer 'POTASSIUM ION'
6 water water
#
_entity_poly.entity_id   1
_entity_poly.type   'polyribonucleotide'
_entity_poly.pdbx_seq_one_letter_code
;(GDP)GUAAAAGCAUAGUGGGAAAGUGACGUGAAAUUCGUCCACACGAAAGUAAGGUCAUAGUCCGAAUGCCACCUACCA
;
_entity_poly.pdbx_strand_id   A,B
#
loop_
_chem_comp.id
_chem_comp.type
_chem_comp.name
_chem_comp.formula
A RNA linking ADENOSINE-5'-MONOPHOSPHATE 'C10 H14 N5 O7 P'
A1BES non-polymer ethynyl-4-methoxybenzene-cobalamin 'C71 H96 Co N13 O15 P 2'
C RNA linking CYTIDINE-5'-MONOPHOSPHATE 'C9 H14 N3 O8 P'
G RNA linking GUANOSINE-5'-MONOPHOSPHATE 'C10 H14 N5 O8 P'
GDP RNA linking GUANOSINE-5'-DIPHOSPHATE 'C10 H15 N5 O11 P2'
K non-polymer 'POTASSIUM ION' 'K 1'
MG non-polymer 'MAGNESIUM ION' 'Mg 2'
N3D non-polymer N-methylpropane-1,3-diamine 'C4 H12 N2'
U RNA linking URIDINE-5'-MONOPHOSPHATE 'C9 H13 N2 O9 P'
#
# COMPACT_ATOMS: atom_id res chain seq x y z
PB GDP A 1 12.36 -4.01 22.73
O1B GDP A 1 11.33 -3.11 22.18
O2B GDP A 1 13.17 -3.53 23.89
O3B GDP A 1 13.55 -4.40 21.80
O3A GDP A 1 11.55 -5.36 23.42
PA GDP A 1 12.42 -6.48 24.27
O1A GDP A 1 13.80 -5.94 23.95
O2A GDP A 1 12.05 -6.99 25.60
O5' GDP A 1 12.18 -7.64 23.18
C5' GDP A 1 11.49 -7.55 21.92
C4' GDP A 1 11.10 -8.94 21.39
O4' GDP A 1 11.74 -9.98 22.20
C3' GDP A 1 9.61 -9.25 21.70
O3' GDP A 1 8.93 -9.14 20.44
C2' GDP A 1 9.57 -10.77 21.99
O2' GDP A 1 9.74 -11.55 20.81
C1' GDP A 1 10.86 -10.95 22.73
N9 GDP A 1 10.91 -10.80 24.26
C8 GDP A 1 11.62 -9.91 25.00
N7 GDP A 1 11.48 -10.06 26.27
C5 GDP A 1 10.63 -11.16 26.42
C6 GDP A 1 10.09 -11.82 27.58
O6 GDP A 1 10.31 -11.55 28.77
N1 GDP A 1 9.24 -12.90 27.26
C2 GDP A 1 8.94 -13.27 25.97
N2 GDP A 1 8.12 -14.30 25.83
N3 GDP A 1 9.45 -12.66 24.87
C4 GDP A 1 10.26 -11.64 25.18
PB GDP B 1 -9.82 4.54 -23.18
O1B GDP B 1 -9.20 3.60 -22.25
O2B GDP B 1 -9.16 4.81 -24.50
O3B GDP B 1 -9.90 6.01 -22.67
O3A GDP B 1 -11.31 3.79 -23.64
PA GDP B 1 -12.64 4.75 -23.40
O1A GDP B 1 -12.56 4.82 -21.90
O2A GDP B 1 -12.91 5.90 -24.25
O5' GDP B 1 -13.76 3.67 -23.75
C5' GDP B 1 -13.63 2.28 -23.85
C4' GDP B 1 -14.69 1.91 -24.86
O4' GDP B 1 -15.22 3.07 -25.58
C3' GDP B 1 -13.95 1.30 -26.07
O3' GDP B 1 -13.59 -0.06 -25.63
C2' GDP B 1 -15.11 1.33 -27.14
O2' GDP B 1 -16.20 0.43 -26.89
C1' GDP B 1 -15.57 2.76 -26.92
N9 GDP B 1 -14.82 3.81 -27.71
C8 GDP B 1 -14.18 4.92 -27.22
N7 GDP B 1 -13.61 5.65 -28.13
C5 GDP B 1 -13.91 5.01 -29.34
C6 GDP B 1 -13.58 5.31 -30.71
O6 GDP B 1 -12.92 6.27 -31.12
N1 GDP B 1 -14.08 4.38 -31.64
C2 GDP B 1 -14.80 3.28 -31.29
N2 GDP B 1 -15.17 2.50 -32.30
N3 GDP B 1 -15.12 2.96 -30.02
C4 GDP B 1 -14.66 3.86 -29.12
C4 A1BES C . 8.58 10.96 11.04
C3 A1BES C . 9.47 11.85 10.18
C2 A1BES C . 8.47 12.24 9.05
C1 A1BES C . 7.56 10.95 8.94
NB1 A1BES C . 7.45 5.66 8.62
CB2 A1BES C . 6.67 6.67 9.08
NB3 A1BES C . 7.30 7.54 9.88
C01 A1BES C . 3.62 12.80 18.97
C10 A1BES C . 6.01 6.83 12.97
C11 A1BES C . 4.93 7.11 12.13
C12 A1BES C . 3.59 6.39 12.23
C13 A1BES C . 3.03 6.57 10.79
C14 A1BES C . 3.79 7.82 10.32
C15 A1BES C . 3.46 8.57 9.23
C16 A1BES C . 4.28 9.67 8.78
C17 A1BES C . 4.10 10.56 7.51
C18 A1BES C . 5.49 11.15 7.36
C19 A1BES C . 6.03 11.13 8.79
C1L A1BES C . 5.61 10.40 12.03
C20 A1BES C . 8.00 10.00 7.84
C25 A1BES C . 9.11 12.59 7.69
C26 A1BES C . 7.63 13.46 9.56
C27 A1BES C . 8.49 14.54 10.19
C2L A1BES C . 5.20 10.98 13.04
C30 A1BES C . 10.79 11.15 9.80
C31 A1BES C . 11.97 12.05 9.50
C32 A1BES C . 13.27 11.27 9.26
C35 A1BES C . 9.91 11.51 13.09
C36 A1BES C . 9.89 8.98 15.16
C37 A1BES C . 7.46 9.84 15.25
C38 A1BES C . 7.23 9.39 16.66
C3L A1BES C . 4.66 11.39 14.34
C41 A1BES C . 9.25 6.62 14.01
C42 A1BES C . 8.95 5.14 13.78
C43 A1BES C . 10.12 4.41 13.20
C46 A1BES C . 2.61 7.18 13.14
C47 A1BES C . 3.78 4.97 12.79
C48 A1BES C . 3.21 5.34 9.85
C49 A1BES C . 2.13 4.24 9.89
C4L A1BES C . 4.01 10.36 15.05
C5 A1BES C . 8.85 10.65 12.43
C50 A1BES C . 0.85 4.79 10.43
C53 A1BES C . 2.05 8.37 8.70
C54 A1BES C . 3.09 11.71 7.75
C55 A1BES C . 3.74 9.87 6.21
C56 A1BES C . 4.42 8.52 5.96
C57 A1BES C . 3.60 7.82 4.90
C5L A1BES C . 3.44 10.55 16.30
C6 A1BES C . 8.36 9.50 13.01
C60 A1BES C . 5.66 12.45 6.53
C61 A1BES C . 6.52 12.17 5.30
C6L A1BES C . 3.50 11.81 16.88
C7 A1BES C . 8.52 9.01 14.47
C7L A1BES C . 4.13 12.86 16.25
C8 A1BES C . 8.05 7.56 14.31
C8L A1BES C . 4.70 12.65 14.97
C9 A1BES C . 7.14 7.62 13.11
CB4 A1BES C . 9.73 7.52 10.63
CB5 A1BES C . 10.91 6.84 10.52
CB6 A1BES C . 10.98 5.68 9.72
CB7 A1BES C . 9.88 5.19 9.04
CB8 A1BES C . 8.70 5.90 9.17
CB9 A1BES C . 8.61 7.05 9.95
CR1 A1BES C . 7.10 4.59 7.70
CR2 A1BES C . 7.32 5.00 6.22
CR3 A1BES C . 6.07 4.45 5.54
CR4 A1BES C . 5.06 4.73 6.63
CR5 A1BES C . 3.77 4.02 6.53
N21 A1BES C . 7.72 10.36 10.31
N22 A1BES C . 7.45 8.68 12.35
N23 A1BES C . 4.92 8.01 11.14
N24 A1BES C . 5.46 9.88 9.31
N29 A1BES C . 9.42 15.10 9.42
N34 A1BES C . 13.89 11.56 8.11
N40 A1BES C . 7.63 10.22 17.60
N45 A1BES C . 11.33 4.92 13.49
N52 A1BES C . 0.57 4.56 11.71
N59 A1BES C . 4.05 7.80 3.66
N63 A1BES C . 7.02 13.20 4.64
O01 A1BES C . 2.91 11.91 18.10
O28 A1BES C . 8.37 14.89 11.40
O33 A1BES C . 13.69 10.45 10.06
O39 A1BES C . 6.69 8.29 16.95
O44 A1BES C . 9.94 3.39 12.48
O51 A1BES C . 0.12 5.43 9.66
O58 A1BES C . 2.49 7.33 5.18
O62 A1BES C . 6.76 11.03 4.88
OP2 A1BES C . 5.66 5.18 4.38
OP3 A1BES C . 5.22 5.85 2.14
OP4 A1BES C . 5.68 3.37 2.65
OP5 A1BES C . 7.46 5.21 2.47
OR6 A1BES C . 5.74 4.28 7.80
OR7 A1BES C . 7.34 6.41 6.12
OR8 A1BES C . 3.98 2.61 6.35
P1 A1BES C . 6.10 4.78 2.87
CB10 A1BES C . 12.14 7.32 11.24
CB11 A1BES C . 12.28 4.94 9.60
CO1 A1BES C . 6.40 9.17 10.81
CPR1 A1BES C . 3.26 7.14 2.63
CPR2 A1BES C . 3.77 5.79 2.13
CPR3 A1BES C . 3.38 5.65 0.67
N1 N3D D . -3.95 25.80 -5.79
C2 N3D D . -2.68 25.06 -5.72
C3 N3D D . -2.82 23.66 -6.32
C4 N3D D . -1.93 22.63 -5.61
N5 N3D D . -1.85 21.32 -6.30
C6 N3D D . -0.85 20.41 -5.76
MG MG E . 15.65 -5.28 22.59
MG MG F . 2.05 -5.03 23.20
MG MG G . 3.40 3.58 26.95
MG MG H . -0.18 26.37 -1.19
MG MG I . -6.90 30.68 -1.27
MG MG J . -9.78 13.71 3.36
MG MG K . -5.29 14.05 4.61
MG MG L . -1.73 12.76 -1.58
MG MG M . -6.69 -3.77 26.03
K K N . -1.42 6.15 12.47
C4 A1BES O . -4.53 -5.58 -6.48
C3 A1BES O . -4.72 -5.48 -4.99
C2 A1BES O . -4.50 -6.98 -4.64
C1 A1BES O . -5.01 -7.75 -5.90
NB1 A1BES O . -8.62 -8.50 -9.53
CB2 A1BES O . -7.28 -8.64 -9.40
NB3 A1BES O . -6.71 -7.54 -8.94
C01 A1BES O . 3.48 -3.43 -11.24
C10 A1BES O . -5.00 -6.22 -11.69
C11 A1BES O . -4.57 -7.54 -11.58
C12 A1BES O . -4.34 -8.40 -12.80
C13 A1BES O . -4.59 -9.85 -12.25
C14 A1BES O . -4.40 -9.62 -10.74
C15 A1BES O . -4.23 -10.60 -9.81
C16 A1BES O . -4.27 -10.31 -8.36
C17 A1BES O . -3.98 -11.25 -7.15
C18 A1BES O . -4.54 -10.39 -5.96
C19 A1BES O . -4.19 -8.98 -6.42
C1L A1BES O . -2.82 -7.06 -8.90
C20 A1BES O . -6.48 -8.08 -5.80
C25 A1BES O . -5.22 -7.46 -3.37
C26 A1BES O . -2.95 -7.20 -4.58
C27 A1BES O . -2.25 -6.20 -3.69
C2L A1BES O . -1.73 -6.59 -9.30
C30 A1BES O . -6.03 -4.73 -4.67
C31 A1BES O . -6.12 -4.20 -3.23
C32 A1BES O . -7.52 -3.71 -2.95
C35 A1BES O . -3.54 -3.29 -6.53
C36 A1BES O . -4.37 -1.85 -9.41
C37 A1BES O . -2.62 -3.53 -10.15
C38 A1BES O . -2.22 -2.66 -11.34
C3L A1BES O . -0.53 -6.03 -9.95
C41 A1BES O . -6.49 -3.24 -10.75
C42 A1BES O . -7.51 -3.94 -11.63
C43 A1BES O . -8.89 -3.34 -11.64
C46 A1BES O . -2.83 -8.34 -13.21
C47 A1BES O . -5.20 -7.88 -13.95
C48 A1BES O . -5.99 -10.43 -12.56
C49 A1BES O . -6.15 -11.34 -13.81
C4L A1BES O . -0.37 -6.09 -11.36
C5 A1BES O . -4.24 -4.40 -7.30
C50 A1BES O . -4.85 -11.99 -14.25
C53 A1BES O . -4.09 -11.99 -10.37
C54 A1BES O . -2.45 -11.40 -7.04
C55 A1BES O . -4.62 -12.65 -7.22
C56 A1BES O . -6.12 -12.60 -7.56
C57 A1BES O . -6.68 -13.95 -7.99
C5L A1BES O . 0.75 -5.59 -12.02
C6 A1BES O . -4.41 -4.44 -8.66
C60 A1BES O . -4.00 -10.68 -4.53
C61 A1BES O . -4.96 -10.95 -3.36
C6L A1BES O . 1.79 -4.99 -11.28
C7 A1BES O . -4.10 -3.34 -9.71
C7L A1BES O . 1.70 -4.87 -9.91
C8 A1BES O . -5.04 -3.80 -10.83
C8L A1BES O . 0.56 -5.39 -9.26
C9 A1BES O . -5.04 -5.30 -10.65
CB4 A1BES O . -7.80 -5.27 -8.33
CB5 A1BES O . -9.01 -4.59 -8.24
CB6 A1BES O . -10.21 -5.23 -8.62
CB7 A1BES O . -10.17 -6.56 -9.06
CB8 A1BES O . -8.94 -7.22 -9.13
CB9 A1BES O . -7.74 -6.61 -8.78
CR1 A1BES O . -9.60 -9.49 -9.93
CR2 A1BES O . -9.93 -10.35 -8.70
CR3 A1BES O . -10.38 -11.64 -9.30
CR4 A1BES O . -9.42 -11.74 -10.49
CR5 A1BES O . -9.81 -12.60 -11.65
N21 A1BES O . -4.79 -6.75 -6.96
N22 A1BES O . -4.83 -5.59 -9.35
N23 A1BES O . -4.56 -8.25 -10.44
N24 A1BES O . -4.45 -9.08 -7.88
N29 A1BES O . -1.28 -5.50 -4.26
N34 A1BES O . -8.14 -4.37 -1.96
N40 A1BES O . -1.30 -1.71 -11.14
N45 A1BES O . -9.82 -4.07 -12.23
N52 A1BES O . -4.37 -11.73 -15.45
N59 A1BES O . -7.49 -14.56 -7.16
N63 A1BES O . -4.36 -11.34 -2.24
O01 A1BES O . 2.87 -4.52 -11.95
O28 A1BES O . -2.60 -6.06 -2.49
O33 A1BES O . -8.00 -2.80 -3.63
O39 A1BES O . -2.70 -2.82 -12.49
O44 A1BES O . -9.16 -2.21 -11.13
O51 A1BES O . -4.30 -12.78 -13.49
O58 A1BES O . -6.35 -14.45 -9.07
O62 A1BES O . -6.19 -10.82 -3.40
OP2 A1BES O . -10.06 -12.70 -8.42
OP3 A1BES O . -10.26 -14.73 -7.09
OP4 A1BES O . -11.76 -14.49 -9.09
OP5 A1BES O . -12.07 -13.09 -6.95
OR6 A1BES O . -9.14 -10.37 -10.94
OR7 A1BES O . -8.73 -10.65 -8.02
OR8 A1BES O . -8.66 -13.38 -12.01
P1 A1BES O . -11.18 -13.75 -7.93
CB10 A1BES O . -9.10 -3.15 -7.76
CB11 A1BES O . -11.55 -4.50 -8.53
CO1 A1BES O . -4.68 -7.41 -8.71
CPR1 A1BES O . -8.11 -15.85 -7.39
CPR2 A1BES O . -9.58 -15.80 -7.82
CPR3 A1BES O . -10.30 -17.09 -7.49
MG MG P . -13.41 7.67 -23.72
MG MG Q . -5.27 -2.81 -27.67
MG MG R . -1.02 -7.50 -32.11
MG MG S . 0.38 1.74 -22.95
MG MG T . 4.55 -19.70 6.18
MG MG U . 11.97 -24.98 6.97
MG MG V . 4.26 -24.14 -9.64
MG MG W . 2.21 -19.78 -7.48
MG MG X . -2.66 -21.51 -2.85
K K Y . -1.56 -11.94 -15.70
#